data_5CTX
#
_entry.id   5CTX
#
_cell.length_a   142.892
_cell.length_b   55.655
_cell.length_c   51.213
_cell.angle_alpha   90.000
_cell.angle_beta   100.550
_cell.angle_gamma   90.000
#
_symmetry.space_group_name_H-M   'C 1 2 1'
#
loop_
_entity.id
_entity.type
_entity.pdbx_description
1 polymer 'DNA gyrase subunit B'
2 non-polymer (4S)-2-METHYL-2,4-PENTANEDIOL
3 non-polymer 4-phenyl-3-[2-(pyridin-3-yl)-1,3-thiazol-5-yl]-2,7-dihydro-6H-pyrazolo[3,4-b]pyridin-6-one
4 non-polymer 'MAGNESIUM ION'
5 water water
#
_entity_poly.entity_id   1
_entity_poly.type   'polypeptide(L)'
_entity_poly.pdbx_seq_one_letter_code
;GSVTALSDVNNTDNYGAGQIQVLEGLEAVRKRPGMYIGSTSERGLHHLVWEIVDNSIDEALAGYANQIEVVIEKDNWIKV
TDNGRGIPVDIQEKMGRPAVEVILTSSVVNALSQDLEVYVHRNETIYHQAYKKGVPQFDLKEVGTTDKTGTVIRFKADGE
IFTETTVYNYETLQQRIRELAFLNKGIQITLRDERDEENVREDSYHYEGGIK
;
_entity_poly.pdbx_strand_id   A,B
#
loop_
_chem_comp.id
_chem_comp.type
_chem_comp.name
_chem_comp.formula
55G non-polymer 4-phenyl-3-[2-(pyridin-3-yl)-1,3-thiazol-5-yl]-2,7-dihydro-6H-pyrazolo[3,4-b]pyridin-6-one 'C20 H13 N5 O S'
MG non-polymer 'MAGNESIUM ION' 'Mg 2'
MPD non-polymer (4S)-2-METHYL-2,4-PENTANEDIOL 'C6 H14 O2'
#
# COMPACT_ATOMS: atom_id res chain seq x y z
N ALA A 17 1.89 0.07 6.81
CA ALA A 17 1.85 -1.43 6.83
C ALA A 17 2.48 -2.00 5.56
N GLY A 18 2.17 -1.36 4.44
CA GLY A 18 2.73 -1.69 3.14
C GLY A 18 4.25 -1.79 3.07
N GLN A 19 4.94 -0.71 3.43
CA GLN A 19 6.42 -0.65 3.42
C GLN A 19 7.09 -1.55 4.51
N ILE A 20 6.41 -1.69 5.65
CA ILE A 20 6.82 -2.69 6.67
C ILE A 20 6.76 -4.11 6.11
N GLN A 21 5.66 -4.44 5.43
CA GLN A 21 5.53 -5.76 4.84
CA GLN A 21 5.48 -5.73 4.69
C GLN A 21 6.64 -5.98 3.75
N VAL A 22 7.04 -4.91 3.04
CA VAL A 22 8.17 -4.95 2.10
C VAL A 22 9.45 -5.42 2.77
N LEU A 23 9.81 -4.74 3.84
CA LEU A 23 11.05 -5.02 4.53
C LEU A 23 11.08 -6.42 5.09
N GLU A 24 9.93 -6.83 5.63
CA GLU A 24 9.80 -8.21 6.12
C GLU A 24 9.97 -9.24 4.99
N GLY A 25 9.51 -8.88 3.80
CA GLY A 25 9.67 -9.80 2.70
C GLY A 25 11.10 -9.95 2.28
N LEU A 26 11.82 -8.84 2.31
CA LEU A 26 13.25 -8.86 1.95
C LEU A 26 13.98 -9.72 2.92
N GLU A 27 13.76 -9.51 4.22
CA GLU A 27 14.38 -10.30 5.28
C GLU A 27 14.10 -11.80 5.03
N ALA A 28 12.87 -12.13 4.68
CA ALA A 28 12.46 -13.53 4.46
C ALA A 28 13.24 -14.18 3.32
N VAL A 29 13.35 -13.49 2.22
CA VAL A 29 14.03 -14.03 1.02
C VAL A 29 15.53 -14.20 1.32
N ARG A 30 16.14 -13.22 1.98
CA ARG A 30 17.56 -13.31 2.28
C ARG A 30 17.91 -14.30 3.37
N LYS A 31 16.92 -14.63 4.20
CA LYS A 31 17.13 -15.66 5.24
C LYS A 31 17.12 -17.09 4.63
N ARG A 32 16.28 -17.36 3.62
CA ARG A 32 16.09 -18.69 3.03
C ARG A 32 16.03 -18.64 1.52
N PRO A 33 17.12 -18.09 0.90
CA PRO A 33 17.10 -17.91 -0.53
C PRO A 33 16.84 -19.14 -1.36
N GLY A 34 17.38 -20.29 -0.90
CA GLY A 34 17.15 -21.53 -1.61
C GLY A 34 15.71 -21.96 -1.69
N MET A 35 14.89 -21.54 -0.71
CA MET A 35 13.46 -21.81 -0.78
C MET A 35 12.78 -21.03 -1.92
N TYR A 36 13.37 -19.89 -2.29
CA TYR A 36 12.87 -19.04 -3.34
C TYR A 36 13.39 -19.32 -4.70
N ILE A 37 14.71 -19.62 -4.82
CA ILE A 37 15.31 -19.87 -6.12
C ILE A 37 15.96 -21.26 -6.31
N GLY A 38 15.73 -22.18 -5.38
CA GLY A 38 16.15 -23.57 -5.54
C GLY A 38 17.48 -23.92 -4.93
N SER A 39 18.43 -22.98 -5.02
CA SER A 39 19.79 -23.20 -4.58
CA SER A 39 19.82 -23.22 -4.67
C SER A 39 20.51 -21.87 -4.61
N THR A 40 21.60 -21.81 -3.87
CA THR A 40 22.48 -20.64 -3.95
C THR A 40 23.82 -20.97 -4.62
N SER A 41 23.83 -22.11 -5.32
CA SER A 41 24.91 -22.59 -6.16
C SER A 41 24.93 -21.84 -7.51
N GLU A 42 25.81 -22.24 -8.41
CA GLU A 42 25.84 -21.74 -9.79
C GLU A 42 24.44 -21.79 -10.44
N ARG A 43 23.67 -22.83 -10.15
CA ARG A 43 22.31 -22.93 -10.69
CA ARG A 43 22.30 -22.97 -10.67
C ARG A 43 21.41 -21.82 -10.26
N GLY A 44 21.41 -21.51 -8.97
CA GLY A 44 20.60 -20.39 -8.46
C GLY A 44 21.07 -19.06 -8.99
N LEU A 45 22.39 -18.87 -9.13
CA LEU A 45 22.90 -17.61 -9.71
C LEU A 45 22.28 -17.35 -11.07
N HIS A 46 22.28 -18.40 -11.91
CA HIS A 46 21.71 -18.26 -13.28
C HIS A 46 20.19 -18.10 -13.25
N HIS A 47 19.55 -18.64 -12.23
CA HIS A 47 18.09 -18.45 -12.04
C HIS A 47 17.72 -16.99 -11.93
N LEU A 48 18.60 -16.15 -11.33
CA LEU A 48 18.36 -14.67 -11.30
C LEU A 48 18.05 -14.12 -12.71
N VAL A 49 18.82 -14.56 -13.68
CA VAL A 49 18.70 -14.08 -15.07
C VAL A 49 17.39 -14.55 -15.61
N TRP A 50 17.07 -15.81 -15.36
CA TRP A 50 15.77 -16.33 -15.83
C TRP A 50 14.57 -15.62 -15.30
N GLU A 51 14.64 -15.20 -14.06
CA GLU A 51 13.48 -14.52 -13.46
C GLU A 51 13.23 -13.21 -14.19
N ILE A 52 14.29 -12.47 -14.47
CA ILE A 52 14.13 -11.18 -15.16
C ILE A 52 13.69 -11.40 -16.60
N VAL A 53 14.34 -12.34 -17.30
CA VAL A 53 14.03 -12.58 -18.73
C VAL A 53 12.59 -13.09 -18.86
N ASP A 54 12.17 -13.95 -17.94
CA ASP A 54 10.76 -14.45 -17.94
CA ASP A 54 10.76 -14.45 -18.01
C ASP A 54 9.73 -13.33 -17.95
N ASN A 55 10.01 -12.30 -17.16
CA ASN A 55 9.11 -11.09 -17.09
C ASN A 55 9.10 -10.34 -18.44
N SER A 56 10.26 -10.25 -19.12
CA SER A 56 10.29 -9.59 -20.43
C SER A 56 9.55 -10.45 -21.45
N ILE A 57 9.67 -11.76 -21.34
CA ILE A 57 8.99 -12.63 -22.28
C ILE A 57 7.46 -12.46 -22.11
N ASP A 58 7.03 -12.25 -20.87
CA ASP A 58 5.53 -12.06 -20.64
C ASP A 58 5.06 -10.82 -21.30
N GLU A 59 5.87 -9.79 -21.28
CA GLU A 59 5.53 -8.54 -21.93
C GLU A 59 5.47 -8.67 -23.48
N ALA A 60 6.29 -9.56 -24.05
CA ALA A 60 6.21 -9.87 -25.50
C ALA A 60 4.99 -10.67 -25.77
N LEU A 61 4.73 -11.65 -24.93
CA LEU A 61 3.51 -12.47 -25.07
C LEU A 61 2.23 -11.66 -24.98
N ALA A 62 2.25 -10.61 -24.18
CA ALA A 62 1.11 -9.67 -24.04
C ALA A 62 0.95 -8.80 -25.28
N GLY A 63 1.91 -8.81 -26.22
CA GLY A 63 1.82 -8.10 -27.48
C GLY A 63 2.65 -6.84 -27.55
N TYR A 64 3.46 -6.59 -26.53
CA TYR A 64 4.03 -5.23 -26.38
C TYR A 64 5.54 -5.07 -26.53
N ALA A 65 6.26 -6.17 -26.61
CA ALA A 65 7.71 -6.24 -26.76
C ALA A 65 8.09 -7.25 -27.83
N ASN A 66 9.25 -7.05 -28.48
CA ASN A 66 9.77 -8.04 -29.33
C ASN A 66 11.25 -8.17 -29.35
N GLN A 67 11.94 -7.49 -28.43
CA GLN A 67 13.38 -7.60 -28.40
C GLN A 67 13.79 -7.65 -26.94
N ILE A 68 14.70 -8.56 -26.65
CA ILE A 68 15.23 -8.71 -25.29
C ILE A 68 16.71 -8.85 -25.44
N GLU A 69 17.48 -8.08 -24.66
CA GLU A 69 18.94 -8.19 -24.71
C GLU A 69 19.49 -8.51 -23.33
N VAL A 70 20.36 -9.53 -23.24
CA VAL A 70 21.02 -9.89 -22.00
C VAL A 70 22.49 -9.66 -22.20
N VAL A 71 23.05 -8.78 -21.32
CA VAL A 71 24.50 -8.48 -21.40
C VAL A 71 25.15 -8.92 -20.08
N ILE A 72 26.27 -9.67 -20.22
CA ILE A 72 27.11 -9.97 -19.08
C ILE A 72 28.17 -8.86 -19.11
N GLU A 73 28.11 -7.98 -18.14
CA GLU A 73 28.90 -6.77 -18.07
C GLU A 73 30.13 -7.09 -17.21
N LYS A 74 31.12 -6.19 -17.33
CA LYS A 74 32.24 -6.23 -16.43
C LYS A 74 31.82 -6.48 -14.96
N ASP A 75 32.62 -7.29 -14.32
CA ASP A 75 32.46 -7.75 -12.93
CA ASP A 75 32.47 -7.76 -12.92
C ASP A 75 31.19 -8.56 -12.68
N ASN A 76 30.70 -9.20 -13.73
CA ASN A 76 29.55 -10.09 -13.64
C ASN A 76 28.28 -9.37 -13.17
N TRP A 77 28.14 -8.10 -13.57
CA TRP A 77 26.80 -7.47 -13.60
C TRP A 77 26.04 -8.10 -14.78
N ILE A 78 24.72 -8.14 -14.66
CA ILE A 78 23.91 -8.57 -15.78
C ILE A 78 23.01 -7.39 -16.10
N LYS A 79 22.80 -7.12 -17.36
CA LYS A 79 21.86 -6.06 -17.83
C LYS A 79 20.86 -6.77 -18.71
N VAL A 80 19.57 -6.60 -18.39
CA VAL A 80 18.51 -7.13 -19.25
C VAL A 80 17.65 -5.93 -19.72
N THR A 81 17.54 -5.84 -21.02
CA THR A 81 16.77 -4.75 -21.68
C THR A 81 15.67 -5.35 -22.49
N ASP A 82 14.45 -4.79 -22.35
CA ASP A 82 13.37 -5.11 -23.33
C ASP A 82 12.75 -3.85 -23.90
N ASN A 83 12.07 -4.01 -25.01
CA ASN A 83 11.33 -2.89 -25.63
C ASN A 83 9.81 -2.98 -25.36
N GLY A 84 9.40 -3.36 -24.16
CA GLY A 84 7.99 -3.37 -23.81
C GLY A 84 7.51 -1.99 -23.40
N ARG A 85 6.45 -1.97 -22.60
CA ARG A 85 5.78 -0.73 -22.25
C ARG A 85 6.49 0.10 -21.21
N GLY A 86 7.52 -0.46 -20.60
CA GLY A 86 8.10 0.19 -19.44
C GLY A 86 7.33 -0.19 -18.21
N ILE A 87 8.00 -0.56 -17.13
CA ILE A 87 7.29 -0.81 -15.88
C ILE A 87 6.58 0.46 -15.45
N PRO A 88 5.30 0.37 -15.08
CA PRO A 88 4.60 1.62 -14.73
C PRO A 88 5.19 2.39 -13.56
N VAL A 89 5.01 3.70 -13.61
CA VAL A 89 5.60 4.62 -12.59
C VAL A 89 4.61 5.42 -11.75
N ASP A 90 3.32 5.22 -12.02
CA ASP A 90 2.24 5.90 -11.36
C ASP A 90 2.20 5.48 -9.91
N ILE A 91 1.81 6.46 -9.09
CA ILE A 91 1.77 6.32 -7.66
C ILE A 91 0.57 5.43 -7.32
N GLN A 92 0.83 4.41 -6.54
CA GLN A 92 -0.22 3.45 -6.14
C GLN A 92 -1.00 3.94 -4.92
N GLU A 93 -2.32 3.80 -4.92
CA GLU A 93 -3.08 4.11 -3.70
C GLU A 93 -2.63 3.16 -2.58
N LYS A 94 -2.57 1.87 -2.93
CA LYS A 94 -1.94 0.77 -2.13
C LYS A 94 -0.70 1.12 -1.26
N MET A 95 0.36 1.63 -1.89
CA MET A 95 1.63 1.93 -1.17
C MET A 95 1.96 3.42 -1.02
N GLY A 96 1.29 4.32 -1.76
CA GLY A 96 1.76 5.72 -1.85
C GLY A 96 3.13 5.80 -2.58
N ARG A 97 3.54 4.73 -3.27
CA ARG A 97 4.86 4.65 -3.92
C ARG A 97 4.64 4.37 -5.39
N PRO A 98 5.62 4.73 -6.23
CA PRO A 98 5.55 4.41 -7.62
C PRO A 98 5.45 2.90 -7.82
N ALA A 99 4.69 2.55 -8.84
CA ALA A 99 4.42 1.13 -9.11
C ALA A 99 5.71 0.36 -9.30
N VAL A 100 6.63 0.92 -10.08
CA VAL A 100 7.94 0.29 -10.29
C VAL A 100 8.64 0.00 -9.00
N GLU A 101 8.62 0.92 -8.04
CA GLU A 101 9.20 0.67 -6.74
C GLU A 101 8.57 -0.51 -6.01
N VAL A 102 7.27 -0.64 -6.04
CA VAL A 102 6.58 -1.75 -5.41
C VAL A 102 6.98 -3.10 -6.03
N ILE A 103 6.97 -3.15 -7.36
CA ILE A 103 7.31 -4.32 -8.16
C ILE A 103 8.73 -4.74 -7.86
N LEU A 104 9.66 -3.77 -7.81
CA LEU A 104 11.05 -4.17 -7.59
C LEU A 104 11.42 -4.45 -6.16
N THR A 105 10.80 -3.78 -5.22
CA THR A 105 11.03 -4.14 -3.81
C THR A 105 10.39 -5.48 -3.38
N SER A 106 9.48 -6.01 -4.18
CA SER A 106 8.99 -7.36 -3.96
C SER A 106 9.63 -8.46 -4.84
N SER A 107 10.70 -8.13 -5.58
CA SER A 107 11.43 -9.01 -6.40
C SER A 107 12.51 -9.80 -5.67
N VAL A 108 12.48 -11.11 -5.88
CA VAL A 108 13.56 -11.97 -5.33
C VAL A 108 14.93 -11.60 -5.90
N VAL A 109 15.00 -11.26 -7.19
CA VAL A 109 16.28 -10.89 -7.77
C VAL A 109 16.87 -9.68 -7.02
N ASN A 110 16.03 -8.68 -6.81
CA ASN A 110 16.47 -7.49 -6.10
C ASN A 110 16.91 -7.77 -4.73
N ALA A 111 16.17 -8.57 -3.96
CA ALA A 111 16.58 -8.96 -2.61
C ALA A 111 17.94 -9.66 -2.53
N LEU A 112 18.19 -10.45 -3.55
CA LEU A 112 19.44 -11.25 -3.63
C LEU A 112 20.56 -10.61 -4.47
N SER A 113 20.40 -9.32 -4.74
CA SER A 113 21.43 -8.56 -5.42
C SER A 113 22.06 -7.57 -4.46
N GLN A 114 23.40 -7.48 -4.51
CA GLN A 114 24.04 -6.40 -3.76
C GLN A 114 23.68 -5.03 -4.25
N ASP A 115 23.46 -4.91 -5.54
CA ASP A 115 23.01 -3.70 -6.20
C ASP A 115 22.12 -4.01 -7.35
N LEU A 116 21.15 -3.14 -7.59
CA LEU A 116 20.29 -3.32 -8.74
C LEU A 116 19.84 -1.95 -9.15
N GLU A 117 19.80 -1.75 -10.48
CA GLU A 117 19.35 -0.46 -11.01
C GLU A 117 18.24 -0.72 -12.04
N VAL A 118 17.25 0.20 -12.12
CA VAL A 118 16.25 0.16 -13.13
C VAL A 118 16.23 1.47 -13.86
N TYR A 119 16.09 1.39 -15.19
CA TYR A 119 15.76 2.58 -16.01
C TYR A 119 14.49 2.25 -16.76
N VAL A 120 13.44 3.05 -16.60
CA VAL A 120 12.21 2.85 -17.41
C VAL A 120 12.07 3.96 -18.42
N HIS A 121 11.82 3.59 -19.67
CA HIS A 121 11.52 4.50 -20.74
C HIS A 121 9.97 4.47 -20.92
N ARG A 122 9.29 5.53 -20.57
CA ARG A 122 7.80 5.54 -20.63
C ARG A 122 7.35 7.00 -20.56
N ASN A 123 6.20 7.33 -21.15
CA ASN A 123 5.68 8.69 -21.10
C ASN A 123 6.75 9.71 -21.64
N GLU A 124 7.60 9.30 -22.61
CA GLU A 124 8.66 10.13 -23.21
C GLU A 124 9.73 10.59 -22.21
N THR A 125 9.81 9.86 -21.11
CA THR A 125 10.64 10.12 -19.99
C THR A 125 11.49 8.89 -19.58
N ILE A 126 12.71 9.13 -19.10
CA ILE A 126 13.53 8.07 -18.56
C ILE A 126 13.51 8.26 -17.03
N TYR A 127 13.13 7.18 -16.32
CA TYR A 127 13.01 7.16 -14.86
C TYR A 127 14.05 6.19 -14.34
N HIS A 128 14.66 6.50 -13.20
CA HIS A 128 15.73 5.69 -12.64
C HIS A 128 15.57 5.52 -11.16
N GLN A 129 15.83 4.31 -10.67
CA GLN A 129 15.97 4.03 -9.26
C GLN A 129 17.03 2.99 -9.07
N ALA A 130 17.68 3.03 -7.92
CA ALA A 130 18.70 2.05 -7.53
C ALA A 130 18.37 1.53 -6.16
N TYR A 131 18.82 0.31 -5.93
CA TYR A 131 18.55 -0.49 -4.75
C TYR A 131 19.83 -1.24 -4.31
N LYS A 132 19.89 -1.58 -2.99
CA LYS A 132 20.90 -2.52 -2.45
C LYS A 132 20.19 -3.52 -1.56
N LYS A 133 20.30 -4.82 -1.88
CA LYS A 133 19.65 -5.90 -1.16
C LYS A 133 18.15 -5.62 -1.09
N GLY A 134 17.66 -5.00 -2.17
CA GLY A 134 16.24 -4.69 -2.29
C GLY A 134 15.78 -3.36 -1.73
N VAL A 135 16.65 -2.67 -0.98
CA VAL A 135 16.28 -1.40 -0.37
C VAL A 135 16.53 -0.23 -1.36
N PRO A 136 15.52 0.58 -1.63
CA PRO A 136 15.73 1.73 -2.51
C PRO A 136 16.70 2.68 -1.92
N GLN A 137 17.60 3.20 -2.74
CA GLN A 137 18.64 4.11 -2.31
C GLN A 137 18.23 5.57 -2.43
N PHE A 138 17.14 5.82 -3.17
CA PHE A 138 16.61 7.15 -3.41
C PHE A 138 15.26 6.97 -4.07
N ASP A 139 14.41 8.00 -4.05
CA ASP A 139 13.17 7.92 -4.72
C ASP A 139 13.36 7.90 -6.23
N LEU A 140 12.40 7.27 -6.89
CA LEU A 140 12.38 7.20 -8.36
C LEU A 140 12.55 8.62 -8.93
N LYS A 141 13.47 8.78 -9.85
CA LYS A 141 13.60 10.10 -10.45
C LYS A 141 13.64 10.11 -11.96
N GLU A 142 13.20 11.23 -12.50
CA GLU A 142 13.26 11.53 -13.90
C GLU A 142 14.67 11.95 -14.23
N VAL A 143 15.32 11.25 -15.15
CA VAL A 143 16.71 11.53 -15.51
C VAL A 143 16.98 12.00 -16.98
N GLY A 144 15.98 11.89 -17.81
CA GLY A 144 16.12 12.15 -19.21
C GLY A 144 14.85 12.00 -19.95
N THR A 145 14.96 12.13 -21.28
CA THR A 145 13.82 11.99 -22.16
C THR A 145 14.08 10.93 -23.18
N THR A 146 13.00 10.52 -23.82
CA THR A 146 13.09 9.37 -24.72
C THR A 146 11.92 9.37 -25.68
N ASP A 147 12.14 8.71 -26.81
CA ASP A 147 11.06 8.47 -27.77
C ASP A 147 10.78 6.99 -27.90
N LYS A 148 11.35 6.17 -27.01
CA LYS A 148 11.09 4.74 -26.95
C LYS A 148 10.41 4.35 -25.65
N THR A 149 9.90 3.11 -25.59
CA THR A 149 9.39 2.54 -24.33
C THR A 149 10.15 1.26 -24.07
N GLY A 150 10.33 0.95 -22.80
CA GLY A 150 10.91 -0.34 -22.39
C GLY A 150 11.54 -0.23 -21.05
N THR A 151 12.22 -1.29 -20.65
CA THR A 151 12.80 -1.38 -19.28
C THR A 151 14.18 -1.94 -19.39
N VAL A 152 15.07 -1.31 -18.58
CA VAL A 152 16.43 -1.82 -18.40
C VAL A 152 16.61 -2.14 -16.93
N ILE A 153 17.03 -3.38 -16.64
CA ILE A 153 17.38 -3.84 -15.27
CA ILE A 153 17.41 -3.77 -15.28
C ILE A 153 18.85 -4.25 -15.30
N ARG A 154 19.69 -3.71 -14.41
CA ARG A 154 21.08 -4.13 -14.27
C ARG A 154 21.22 -4.56 -12.82
N PHE A 155 21.83 -5.73 -12.57
CA PHE A 155 22.03 -6.19 -11.21
C PHE A 155 23.35 -6.89 -11.04
N LYS A 156 23.82 -6.82 -9.78
CA LYS A 156 24.97 -7.54 -9.33
C LYS A 156 24.59 -8.50 -8.20
N ALA A 157 24.73 -9.80 -8.46
CA ALA A 157 24.34 -10.84 -7.52
C ALA A 157 25.09 -10.65 -6.20
N ASP A 158 24.40 -10.88 -5.09
CA ASP A 158 25.04 -10.67 -3.77
C ASP A 158 25.91 -11.87 -3.41
N GLY A 159 27.22 -11.66 -3.34
CA GLY A 159 28.14 -12.74 -2.96
C GLY A 159 27.95 -13.25 -1.53
N GLU A 160 27.22 -12.51 -0.67
CA GLU A 160 26.88 -13.04 0.67
C GLU A 160 25.87 -14.10 0.57
N ILE A 161 25.08 -14.12 -0.52
CA ILE A 161 24.08 -15.16 -0.77
C ILE A 161 24.65 -16.29 -1.65
N PHE A 162 25.30 -15.90 -2.74
CA PHE A 162 25.86 -16.81 -3.75
C PHE A 162 27.30 -17.08 -3.37
N THR A 163 27.47 -17.92 -2.37
CA THR A 163 28.79 -18.04 -1.69
C THR A 163 29.74 -18.90 -2.49
N GLU A 164 29.27 -19.76 -3.39
CA GLU A 164 30.16 -20.62 -4.22
C GLU A 164 30.78 -19.80 -5.39
N THR A 165 29.91 -19.13 -6.11
CA THR A 165 30.37 -18.36 -7.28
C THR A 165 29.31 -17.30 -7.66
N THR A 166 29.81 -16.17 -8.15
CA THR A 166 29.00 -15.09 -8.76
C THR A 166 29.40 -14.88 -10.25
N VAL A 167 30.14 -15.84 -10.85
CA VAL A 167 30.58 -15.80 -12.25
C VAL A 167 29.67 -16.57 -13.16
N TYR A 168 29.09 -15.82 -14.13
CA TYR A 168 28.20 -16.50 -15.07
C TYR A 168 28.93 -17.32 -16.13
N ASN A 169 28.25 -18.33 -16.62
CA ASN A 169 28.74 -19.20 -17.67
C ASN A 169 28.04 -18.86 -18.97
N TYR A 170 28.79 -18.32 -19.95
CA TYR A 170 28.14 -17.91 -21.23
C TYR A 170 27.37 -19.02 -21.89
N GLU A 171 27.95 -20.21 -21.92
CA GLU A 171 27.29 -21.36 -22.57
C GLU A 171 25.98 -21.76 -21.88
N THR A 172 25.93 -21.65 -20.56
CA THR A 172 24.70 -21.86 -19.84
C THR A 172 23.61 -20.86 -20.25
N LEU A 173 23.99 -19.61 -20.30
CA LEU A 173 23.05 -18.52 -20.65
C LEU A 173 22.64 -18.70 -22.11
N GLN A 174 23.60 -18.99 -22.95
CA GLN A 174 23.35 -19.15 -24.38
C GLN A 174 22.37 -20.27 -24.68
N GLN A 175 22.56 -21.41 -24.03
CA GLN A 175 21.72 -22.56 -24.35
C GLN A 175 20.27 -22.28 -24.00
N ARG A 176 20.08 -21.66 -22.86
CA ARG A 176 18.68 -21.36 -22.43
C ARG A 176 18.09 -20.21 -23.24
N ILE A 177 18.90 -19.21 -23.59
CA ILE A 177 18.38 -18.13 -24.39
C ILE A 177 17.94 -18.64 -25.78
N ARG A 178 18.75 -19.48 -26.40
CA ARG A 178 18.38 -20.06 -27.66
C ARG A 178 17.06 -20.85 -27.55
N GLU A 179 16.97 -21.67 -26.51
CA GLU A 179 15.69 -22.43 -26.21
C GLU A 179 14.50 -21.48 -26.06
N LEU A 180 14.68 -20.42 -25.30
CA LEU A 180 13.57 -19.44 -25.13
C LEU A 180 13.16 -18.76 -26.44
N ALA A 181 14.09 -18.39 -27.29
CA ALA A 181 13.74 -17.80 -28.57
C ALA A 181 13.02 -18.84 -29.45
N PHE A 182 13.50 -20.11 -29.40
CA PHE A 182 12.85 -21.14 -30.21
C PHE A 182 11.41 -21.39 -29.75
N LEU A 183 11.21 -21.35 -28.48
CA LEU A 183 9.87 -21.59 -27.88
C LEU A 183 8.93 -20.42 -28.08
N ASN A 184 9.47 -19.20 -28.10
CA ASN A 184 8.65 -17.96 -28.19
C ASN A 184 8.97 -17.31 -29.52
N LYS A 185 8.47 -17.86 -30.63
CA LYS A 185 8.86 -17.38 -31.95
C LYS A 185 8.47 -15.90 -32.13
N GLY A 186 9.34 -15.15 -32.81
CA GLY A 186 9.06 -13.75 -33.10
C GLY A 186 9.76 -12.82 -32.12
N ILE A 187 10.28 -13.36 -31.02
CA ILE A 187 11.04 -12.51 -30.10
C ILE A 187 12.51 -12.60 -30.45
N GLN A 188 13.16 -11.45 -30.64
CA GLN A 188 14.59 -11.43 -30.86
C GLN A 188 15.25 -11.42 -29.51
N ILE A 189 16.11 -12.37 -29.20
CA ILE A 189 16.78 -12.38 -27.89
C ILE A 189 18.29 -12.49 -28.14
N THR A 190 19.01 -11.52 -27.61
CA THR A 190 20.43 -11.37 -27.86
C THR A 190 21.18 -11.54 -26.57
N LEU A 191 22.27 -12.29 -26.63
CA LEU A 191 23.18 -12.46 -25.49
C LEU A 191 24.52 -11.84 -25.89
N ARG A 192 25.11 -11.05 -24.99
CA ARG A 192 26.42 -10.43 -25.27
C ARG A 192 27.28 -10.56 -24.03
N ASP A 193 28.55 -10.99 -24.17
CA ASP A 193 29.54 -11.03 -23.06
C ASP A 193 30.53 -9.90 -23.25
N GLU A 194 30.50 -8.90 -22.37
CA GLU A 194 31.38 -7.74 -22.40
C GLU A 194 32.42 -7.83 -21.29
N ARG A 195 32.56 -8.95 -20.61
CA ARG A 195 33.48 -9.06 -19.49
C ARG A 195 34.91 -8.84 -19.92
N ASP A 196 35.32 -9.34 -21.09
CA ASP A 196 36.66 -9.04 -21.62
C ASP A 196 36.46 -8.06 -22.77
N GLU A 197 36.78 -6.80 -22.57
CA GLU A 197 36.60 -5.76 -23.62
C GLU A 197 37.42 -6.03 -24.88
N GLU A 198 38.47 -6.82 -24.77
CA GLU A 198 39.27 -7.12 -25.94
CA GLU A 198 39.31 -7.19 -25.92
C GLU A 198 38.64 -8.23 -26.82
N ASN A 199 37.67 -9.04 -26.28
CA ASN A 199 37.01 -10.11 -27.07
C ASN A 199 35.58 -10.15 -26.66
N VAL A 200 34.70 -9.45 -27.38
CA VAL A 200 33.29 -9.38 -27.03
C VAL A 200 32.56 -10.39 -27.89
N ARG A 201 31.74 -11.23 -27.30
CA ARG A 201 31.03 -12.24 -28.00
C ARG A 201 29.56 -11.94 -27.98
N GLU A 202 28.86 -12.21 -29.10
CA GLU A 202 27.38 -11.92 -29.10
C GLU A 202 26.68 -13.05 -29.91
N ASP A 203 25.55 -13.49 -29.43
CA ASP A 203 24.77 -14.51 -30.12
C ASP A 203 23.38 -13.93 -30.13
N SER A 204 22.73 -13.90 -31.28
CA SER A 204 21.38 -13.36 -31.34
CA SER A 204 21.39 -13.29 -31.44
C SER A 204 20.43 -14.28 -32.04
N TYR A 205 19.29 -14.48 -31.39
CA TYR A 205 18.34 -15.53 -31.82
C TYR A 205 16.97 -14.94 -32.12
N HIS A 206 16.38 -15.35 -33.24
CA HIS A 206 15.11 -14.78 -33.71
C HIS A 206 14.52 -15.79 -34.60
N TYR A 207 13.61 -16.57 -34.06
CA TYR A 207 12.93 -17.62 -34.85
C TYR A 207 11.65 -17.12 -35.50
N GLU A 208 11.45 -17.52 -36.75
CA GLU A 208 10.45 -16.91 -37.69
C GLU A 208 9.96 -15.50 -37.37
N GLN B 21 -9.56 9.39 -8.34
CA GLN B 21 -8.46 9.09 -7.37
C GLN B 21 -8.89 9.01 -5.89
N VAL B 22 -9.99 9.69 -5.56
CA VAL B 22 -10.64 9.45 -4.26
C VAL B 22 -11.29 8.09 -4.37
N LEU B 23 -12.13 7.92 -5.38
CA LEU B 23 -12.72 6.61 -5.70
C LEU B 23 -11.71 5.44 -5.75
N GLU B 24 -10.51 5.68 -6.24
CA GLU B 24 -9.46 4.64 -6.25
C GLU B 24 -9.00 4.26 -4.87
N GLY B 25 -8.84 5.27 -4.03
CA GLY B 25 -8.35 5.17 -2.66
C GLY B 25 -9.36 4.34 -1.86
N LEU B 26 -10.66 4.55 -2.11
CA LEU B 26 -11.73 3.81 -1.46
C LEU B 26 -11.68 2.35 -1.90
N GLU B 27 -11.47 2.12 -3.19
CA GLU B 27 -11.48 0.75 -3.73
C GLU B 27 -10.29 -0.03 -3.19
N ALA B 28 -9.19 0.65 -3.01
CA ALA B 28 -7.96 0.04 -2.53
C ALA B 28 -8.05 -0.40 -1.08
N VAL B 29 -8.64 0.45 -0.23
CA VAL B 29 -8.87 0.11 1.15
C VAL B 29 -9.85 -1.06 1.20
N ARG B 30 -10.89 -1.05 0.39
CA ARG B 30 -11.87 -2.15 0.50
C ARG B 30 -11.32 -3.49 0.00
N LYS B 31 -10.30 -3.44 -0.85
CA LYS B 31 -9.63 -4.66 -1.37
C LYS B 31 -8.61 -5.22 -0.39
N ARG B 32 -7.91 -4.39 0.37
CA ARG B 32 -6.91 -4.87 1.32
CA ARG B 32 -6.94 -4.90 1.32
C ARG B 32 -7.17 -4.28 2.70
N PRO B 33 -8.37 -4.54 3.28
CA PRO B 33 -8.68 -3.92 4.61
C PRO B 33 -7.69 -4.22 5.69
N GLY B 34 -7.10 -5.43 5.66
CA GLY B 34 -6.16 -5.81 6.71
C GLY B 34 -4.87 -5.05 6.75
N MET B 35 -4.50 -4.45 5.62
CA MET B 35 -3.38 -3.55 5.57
C MET B 35 -3.63 -2.22 6.40
N TYR B 36 -4.89 -1.82 6.53
CA TYR B 36 -5.28 -0.56 7.19
C TYR B 36 -5.79 -0.75 8.61
N ILE B 37 -6.53 -1.85 8.87
CA ILE B 37 -7.06 -2.10 10.18
C ILE B 37 -6.66 -3.41 10.82
N GLY B 38 -5.67 -4.08 10.21
CA GLY B 38 -5.11 -5.31 10.76
C GLY B 38 -5.76 -6.60 10.33
N SER B 39 -7.09 -6.67 10.33
CA SER B 39 -7.80 -7.86 9.93
C SER B 39 -9.28 -7.52 9.72
N THR B 40 -10.04 -8.47 9.17
CA THR B 40 -11.49 -8.36 9.00
C THR B 40 -12.32 -9.19 10.01
N SER B 41 -11.65 -9.70 11.05
CA SER B 41 -12.21 -10.52 12.12
C SER B 41 -12.83 -9.58 13.15
N GLU B 42 -13.28 -10.10 14.27
CA GLU B 42 -13.79 -9.25 15.38
C GLU B 42 -12.83 -8.14 15.80
N ARG B 43 -11.55 -8.42 15.84
CA ARG B 43 -10.54 -7.44 16.18
C ARG B 43 -10.55 -6.23 15.26
N GLY B 44 -10.66 -6.51 13.97
CA GLY B 44 -10.79 -5.47 12.95
C GLY B 44 -12.05 -4.66 13.08
N LEU B 45 -13.15 -5.33 13.37
CA LEU B 45 -14.40 -4.64 13.59
C LEU B 45 -14.22 -3.57 14.69
N HIS B 46 -13.66 -3.98 15.79
CA HIS B 46 -13.47 -3.08 16.91
C HIS B 46 -12.47 -1.97 16.60
N HIS B 47 -11.50 -2.26 15.74
CA HIS B 47 -10.51 -1.27 15.34
C HIS B 47 -11.15 -0.08 14.64
N LEU B 48 -12.30 -0.27 13.97
CA LEU B 48 -13.06 0.87 13.34
C LEU B 48 -13.42 1.89 14.42
N VAL B 49 -13.87 1.38 15.57
CA VAL B 49 -14.19 2.27 16.73
C VAL B 49 -12.95 3.01 17.17
N TRP B 50 -11.81 2.33 17.27
CA TRP B 50 -10.64 2.98 17.75
C TRP B 50 -10.12 4.03 16.79
N GLU B 51 -10.32 3.87 15.49
CA GLU B 51 -9.87 4.93 14.57
C GLU B 51 -10.66 6.21 14.79
N ILE B 52 -11.97 6.10 14.92
CA ILE B 52 -12.79 7.29 15.06
C ILE B 52 -12.55 7.87 16.47
N VAL B 53 -12.48 7.04 17.51
CA VAL B 53 -12.25 7.58 18.82
C VAL B 53 -10.89 8.27 18.89
N ASP B 54 -9.91 7.68 18.22
CA ASP B 54 -8.56 8.28 18.18
CA ASP B 54 -8.59 8.28 18.18
C ASP B 54 -8.58 9.74 17.67
N ASN B 55 -9.40 10.01 16.69
CA ASN B 55 -9.54 11.34 16.17
C ASN B 55 -10.14 12.30 17.21
N SER B 56 -11.12 11.81 17.99
CA SER B 56 -11.65 12.60 19.12
C SER B 56 -10.61 12.83 20.19
N ILE B 57 -9.80 11.79 20.55
CA ILE B 57 -8.69 11.93 21.43
C ILE B 57 -7.66 13.00 20.94
N ASP B 58 -7.37 13.01 19.65
CA ASP B 58 -6.48 14.04 19.09
C ASP B 58 -7.03 15.45 19.37
N GLU B 59 -8.35 15.58 19.26
CA GLU B 59 -8.98 16.84 19.54
C GLU B 59 -8.91 17.25 21.00
N ALA B 60 -8.94 16.27 21.90
CA ALA B 60 -8.67 16.49 23.33
C ALA B 60 -7.20 16.88 23.54
N LEU B 61 -6.29 16.17 22.88
CA LEU B 61 -4.87 16.47 23.02
C LEU B 61 -4.52 17.86 22.51
N ALA B 62 -5.25 18.32 21.53
CA ALA B 62 -5.09 19.68 20.97
C ALA B 62 -5.64 20.75 21.93
N GLY B 63 -6.40 20.38 22.94
CA GLY B 63 -6.93 21.26 23.95
C GLY B 63 -8.37 21.69 23.79
N TYR B 64 -9.12 21.09 22.85
CA TYR B 64 -10.44 21.60 22.54
C TYR B 64 -11.58 20.73 23.00
N ALA B 65 -11.39 19.44 23.12
CA ALA B 65 -12.48 18.56 23.51
C ALA B 65 -12.18 18.05 24.96
N ASN B 66 -13.21 17.91 25.80
CA ASN B 66 -13.06 17.24 27.09
C ASN B 66 -14.13 16.19 27.43
N GLN B 67 -14.99 15.90 26.44
CA GLN B 67 -16.00 14.86 26.58
C GLN B 67 -16.08 14.10 25.29
N ILE B 68 -16.10 12.77 25.41
CA ILE B 68 -16.15 11.86 24.26
C ILE B 68 -17.19 10.79 24.68
N GLU B 69 -18.09 10.49 23.77
CA GLU B 69 -19.13 9.51 24.06
C GLU B 69 -19.13 8.50 22.91
N VAL B 70 -19.12 7.24 23.25
CA VAL B 70 -19.24 6.13 22.31
C VAL B 70 -20.51 5.32 22.59
N VAL B 71 -21.41 5.24 21.58
CA VAL B 71 -22.68 4.52 21.80
C VAL B 71 -22.73 3.40 20.79
N ILE B 72 -23.10 2.22 21.31
CA ILE B 72 -23.42 1.11 20.44
C ILE B 72 -24.91 1.18 20.26
N GLU B 73 -25.35 1.43 19.02
CA GLU B 73 -26.70 1.74 18.70
C GLU B 73 -27.36 0.50 18.09
N LYS B 74 -28.67 0.57 17.96
CA LYS B 74 -29.44 -0.44 17.28
C LYS B 74 -28.78 -0.81 15.97
N ASP B 75 -28.76 -2.13 15.71
CA ASP B 75 -28.20 -2.73 14.50
C ASP B 75 -26.71 -2.54 14.40
N ASN B 76 -26.06 -2.35 15.54
CA ASN B 76 -24.61 -2.28 15.60
C ASN B 76 -24.03 -1.15 14.72
N TRP B 77 -24.79 -0.06 14.68
CA TRP B 77 -24.17 1.23 14.41
C TRP B 77 -23.36 1.64 15.64
N ILE B 78 -22.33 2.46 15.42
CA ILE B 78 -21.53 3.04 16.48
C ILE B 78 -21.68 4.54 16.25
N LYS B 79 -21.87 5.26 17.36
CA LYS B 79 -21.87 6.74 17.35
C LYS B 79 -20.80 7.22 18.24
N VAL B 80 -19.91 8.06 17.68
CA VAL B 80 -18.92 8.74 18.49
C VAL B 80 -19.17 10.25 18.43
N THR B 81 -19.26 10.86 19.59
CA THR B 81 -19.42 12.28 19.72
C THR B 81 -18.30 12.88 20.52
N ASP B 82 -17.78 14.02 20.07
CA ASP B 82 -16.92 14.80 20.97
C ASP B 82 -17.36 16.27 20.97
N ASN B 83 -16.91 17.03 21.99
CA ASN B 83 -17.25 18.42 22.09
C ASN B 83 -16.04 19.30 21.69
N GLY B 84 -15.27 18.90 20.67
CA GLY B 84 -14.19 19.75 20.19
C GLY B 84 -14.67 20.81 19.25
N ARG B 85 -13.82 21.20 18.32
CA ARG B 85 -14.14 22.37 17.42
C ARG B 85 -15.14 22.06 16.31
N GLY B 86 -15.36 20.78 16.04
CA GLY B 86 -16.09 20.40 14.86
C GLY B 86 -15.20 20.35 13.64
N ILE B 87 -15.32 19.27 12.83
CA ILE B 87 -14.51 19.14 11.63
C ILE B 87 -14.77 20.34 10.71
N PRO B 88 -13.72 21.00 10.21
CA PRO B 88 -13.97 22.14 9.36
C PRO B 88 -14.81 21.82 8.13
N VAL B 89 -15.54 22.82 7.68
CA VAL B 89 -16.45 22.70 6.57
C VAL B 89 -16.13 23.62 5.35
N ASP B 90 -15.13 24.50 5.52
CA ASP B 90 -14.70 25.39 4.48
C ASP B 90 -14.28 24.63 3.19
N ILE B 91 -14.57 25.26 2.08
CA ILE B 91 -14.38 24.72 0.76
C ILE B 91 -12.90 24.79 0.45
N GLN B 92 -12.35 23.63 0.14
CA GLN B 92 -10.94 23.48 -0.25
C GLN B 92 -10.76 24.02 -1.66
N GLU B 93 -9.86 25.00 -1.72
CA GLU B 93 -9.63 25.84 -2.91
C GLU B 93 -9.09 24.83 -3.92
N LYS B 94 -8.03 24.16 -3.46
CA LYS B 94 -7.55 22.84 -3.89
C LYS B 94 -8.58 21.87 -4.52
N MET B 95 -9.37 21.21 -3.68
CA MET B 95 -10.28 20.12 -4.11
C MET B 95 -11.64 20.59 -4.64
N GLY B 96 -12.04 21.81 -4.30
CA GLY B 96 -13.38 22.32 -4.62
C GLY B 96 -14.53 21.75 -3.79
N ARG B 97 -14.22 21.13 -2.66
CA ARG B 97 -15.24 20.45 -1.81
C ARG B 97 -15.00 20.86 -0.33
N PRO B 98 -16.00 20.75 0.54
CA PRO B 98 -15.83 21.06 1.94
C PRO B 98 -14.79 20.16 2.56
N ALA B 99 -14.01 20.72 3.49
CA ALA B 99 -12.93 20.01 4.16
C ALA B 99 -13.43 18.70 4.76
N VAL B 100 -14.58 18.77 5.47
CA VAL B 100 -15.11 17.51 6.13
C VAL B 100 -15.27 16.40 5.08
N GLU B 101 -15.83 16.69 3.90
CA GLU B 101 -16.03 15.71 2.83
C GLU B 101 -14.66 15.15 2.41
N VAL B 102 -13.67 16.03 2.18
CA VAL B 102 -12.33 15.56 1.78
C VAL B 102 -11.74 14.59 2.84
N ILE B 103 -11.89 14.96 4.07
CA ILE B 103 -11.43 14.16 5.20
C ILE B 103 -12.16 12.84 5.26
N LEU B 104 -13.49 12.85 5.23
CA LEU B 104 -14.21 11.60 5.42
C LEU B 104 -14.13 10.69 4.21
N THR B 105 -13.99 11.21 3.01
CA THR B 105 -13.88 10.35 1.83
C THR B 105 -12.48 9.73 1.70
N SER B 106 -11.56 10.21 2.54
CA SER B 106 -10.18 9.59 2.75
C SER B 106 -10.09 8.71 3.99
N SER B 107 -11.22 8.49 4.65
CA SER B 107 -11.30 7.73 5.89
C SER B 107 -11.45 6.21 5.63
N VAL B 108 -10.57 5.45 6.29
CA VAL B 108 -10.62 3.98 6.21
C VAL B 108 -11.95 3.49 6.80
N VAL B 109 -12.38 4.08 7.90
CA VAL B 109 -13.64 3.62 8.48
C VAL B 109 -14.79 3.83 7.49
N ASN B 110 -14.84 5.02 6.86
CA ASN B 110 -15.91 5.27 5.90
C ASN B 110 -15.93 4.26 4.72
N ALA B 111 -14.72 3.93 4.22
CA ALA B 111 -14.52 3.00 3.10
C ALA B 111 -15.04 1.60 3.46
N LEU B 112 -14.85 1.26 4.73
CA LEU B 112 -15.21 -0.07 5.29
C LEU B 112 -16.60 -0.08 5.97
N SER B 113 -17.41 0.97 5.81
CA SER B 113 -18.73 1.07 6.37
C SER B 113 -19.73 1.06 5.31
N GLN B 114 -20.81 0.25 5.46
CA GLN B 114 -21.90 0.30 4.54
C GLN B 114 -22.61 1.69 4.54
N ASP B 115 -22.62 2.36 5.68
CA ASP B 115 -23.28 3.67 5.82
C ASP B 115 -22.53 4.43 6.91
N LEU B 116 -22.26 5.70 6.62
CA LEU B 116 -21.67 6.56 7.65
C LEU B 116 -22.32 7.91 7.53
N GLU B 117 -22.56 8.55 8.66
CA GLU B 117 -23.12 9.93 8.76
C GLU B 117 -22.26 10.80 9.62
N VAL B 118 -22.19 12.08 9.26
CA VAL B 118 -21.51 13.03 10.09
C VAL B 118 -22.44 14.19 10.39
N TYR B 119 -22.37 14.72 11.59
CA TYR B 119 -23.01 15.96 12.00
C TYR B 119 -21.98 16.84 12.65
N VAL B 120 -21.63 17.95 12.02
CA VAL B 120 -20.71 18.92 12.59
C VAL B 120 -21.46 20.06 13.21
N HIS B 121 -21.13 20.39 14.44
CA HIS B 121 -21.63 21.57 15.13
C HIS B 121 -20.51 22.62 15.14
N ARG B 122 -20.65 23.65 14.33
CA ARG B 122 -19.61 24.64 14.14
C ARG B 122 -20.25 25.90 13.55
N ASN B 123 -19.68 27.06 13.84
CA ASN B 123 -20.22 28.31 13.18
C ASN B 123 -21.73 28.45 13.58
N GLU B 124 -22.13 27.95 14.75
CA GLU B 124 -23.53 28.05 15.22
CA GLU B 124 -23.54 28.05 15.22
C GLU B 124 -24.51 27.33 14.27
N THR B 125 -23.97 26.37 13.50
CA THR B 125 -24.69 25.66 12.46
C THR B 125 -24.46 24.15 12.66
N ILE B 126 -25.45 23.35 12.31
CA ILE B 126 -25.33 21.90 12.25
C ILE B 126 -25.25 21.51 10.80
N TYR B 127 -24.16 20.90 10.38
CA TYR B 127 -23.91 20.47 8.99
C TYR B 127 -23.98 18.99 8.93
N HIS B 128 -24.56 18.42 7.88
CA HIS B 128 -24.74 16.96 7.78
C HIS B 128 -24.34 16.42 6.43
N GLN B 129 -23.65 15.27 6.37
CA GLN B 129 -23.42 14.55 5.14
C GLN B 129 -23.51 13.07 5.50
N ALA B 130 -23.89 12.30 4.51
CA ALA B 130 -23.98 10.84 4.64
C ALA B 130 -23.26 10.19 3.44
N TYR B 131 -22.74 8.97 3.69
CA TYR B 131 -21.93 8.24 2.75
C TYR B 131 -22.33 6.78 2.80
N LYS B 132 -21.99 6.09 1.69
CA LYS B 132 -22.08 4.61 1.61
CA LYS B 132 -22.12 4.61 1.58
C LYS B 132 -20.81 4.10 0.98
N LYS B 133 -20.11 3.26 1.72
CA LYS B 133 -18.82 2.74 1.34
C LYS B 133 -17.88 3.83 0.97
N GLY B 134 -17.94 4.97 1.72
CA GLY B 134 -17.12 6.11 1.45
C GLY B 134 -17.64 7.13 0.44
N VAL B 135 -18.63 6.77 -0.35
CA VAL B 135 -19.18 7.64 -1.38
C VAL B 135 -20.25 8.61 -0.83
N PRO B 136 -20.02 9.93 -1.02
CA PRO B 136 -21.06 10.84 -0.48
C PRO B 136 -22.38 10.63 -1.17
N GLN B 137 -23.45 10.63 -0.43
CA GLN B 137 -24.80 10.46 -0.95
C GLN B 137 -25.44 11.75 -1.42
N PHE B 138 -25.00 12.85 -0.87
CA PHE B 138 -25.53 14.17 -1.13
C PHE B 138 -24.50 15.19 -0.61
N ASP B 139 -24.64 16.46 -0.99
CA ASP B 139 -23.62 17.43 -0.64
C ASP B 139 -23.83 17.77 0.83
N LEU B 140 -22.75 18.18 1.50
CA LEU B 140 -22.84 18.64 2.88
C LEU B 140 -23.94 19.71 2.93
N LYS B 141 -24.80 19.66 3.92
CA LYS B 141 -25.92 20.60 3.98
C LYS B 141 -26.13 21.10 5.42
N GLU B 142 -26.69 22.30 5.56
CA GLU B 142 -27.06 22.81 6.85
CA GLU B 142 -27.05 22.83 6.83
C GLU B 142 -28.39 22.23 7.27
N VAL B 143 -28.44 21.64 8.46
CA VAL B 143 -29.68 21.00 8.95
C VAL B 143 -30.13 21.53 10.35
N GLY B 144 -29.61 22.66 10.79
CA GLY B 144 -29.95 23.17 12.10
C GLY B 144 -29.08 24.30 12.60
N THR B 145 -29.44 24.80 13.77
CA THR B 145 -28.72 25.86 14.47
C THR B 145 -28.30 25.28 15.79
N THR B 146 -27.12 25.72 16.23
CA THR B 146 -26.63 25.19 17.50
C THR B 146 -25.84 26.28 18.21
N ASP B 147 -25.67 26.05 19.49
CA ASP B 147 -24.85 26.91 20.33
C ASP B 147 -23.72 26.11 20.91
N LYS B 148 -23.50 24.95 20.34
CA LYS B 148 -22.40 24.06 20.84
C LYS B 148 -21.45 23.84 19.71
N THR B 149 -20.25 23.29 20.01
CA THR B 149 -19.32 22.90 18.94
C THR B 149 -18.93 21.45 19.19
N GLY B 150 -18.66 20.74 18.11
CA GLY B 150 -18.23 19.31 18.20
C GLY B 150 -18.57 18.54 16.97
N THR B 151 -18.28 17.23 17.01
CA THR B 151 -18.49 16.35 15.89
C THR B 151 -19.21 15.11 16.33
N VAL B 152 -20.15 14.71 15.47
CA VAL B 152 -20.83 13.41 15.66
C VAL B 152 -20.56 12.58 14.43
N ILE B 153 -20.05 11.36 14.62
CA ILE B 153 -19.85 10.38 13.54
CA ILE B 153 -19.87 10.39 13.55
C ILE B 153 -20.65 9.14 13.89
N ARG B 154 -21.52 8.65 12.98
CA ARG B 154 -22.16 7.37 13.21
C ARG B 154 -21.84 6.51 11.99
N PHE B 155 -21.59 5.23 12.25
CA PHE B 155 -21.25 4.33 11.18
C PHE B 155 -21.74 2.92 11.44
N LYS B 156 -22.05 2.27 10.30
CA LYS B 156 -22.36 0.85 10.35
CA LYS B 156 -22.42 0.84 10.30
C LYS B 156 -21.39 0.08 9.45
N ALA B 157 -20.62 -0.78 10.08
CA ALA B 157 -19.61 -1.59 9.45
C ALA B 157 -20.24 -2.44 8.34
N ASP B 158 -19.46 -2.60 7.29
CA ASP B 158 -19.90 -3.29 6.09
C ASP B 158 -19.74 -4.81 6.27
N GLY B 159 -20.88 -5.46 6.33
CA GLY B 159 -20.94 -6.90 6.58
C GLY B 159 -20.38 -7.75 5.45
N GLU B 160 -20.26 -7.13 4.27
CA GLU B 160 -19.53 -7.76 3.16
C GLU B 160 -18.05 -7.83 3.39
N ILE B 161 -17.52 -6.91 4.18
CA ILE B 161 -16.14 -6.89 4.56
C ILE B 161 -15.95 -7.74 5.85
N PHE B 162 -16.79 -7.51 6.85
CA PHE B 162 -16.63 -8.07 8.18
C PHE B 162 -17.56 -9.28 8.26
N THR B 163 -17.12 -10.36 7.61
CA THR B 163 -18.02 -11.53 7.37
C THR B 163 -18.14 -12.45 8.59
N GLU B 164 -17.16 -12.41 9.51
CA GLU B 164 -17.20 -13.24 10.75
C GLU B 164 -18.27 -12.72 11.74
N THR B 165 -18.22 -11.41 11.99
CA THR B 165 -19.19 -10.79 12.90
C THR B 165 -19.19 -9.27 12.70
N THR B 166 -20.39 -8.76 12.79
CA THR B 166 -20.58 -7.27 12.86
C THR B 166 -21.12 -6.84 14.23
N VAL B 167 -21.12 -7.76 15.22
CA VAL B 167 -21.61 -7.51 16.57
C VAL B 167 -20.46 -7.10 17.47
N TYR B 168 -20.56 -5.89 18.05
CA TYR B 168 -19.60 -5.42 19.03
C TYR B 168 -19.74 -6.06 20.40
N ASN B 169 -18.61 -6.15 21.09
CA ASN B 169 -18.53 -6.69 22.43
C ASN B 169 -18.34 -5.57 23.43
N TYR B 170 -19.34 -5.35 24.29
CA TYR B 170 -19.27 -4.25 25.24
C TYR B 170 -18.00 -4.26 26.06
N GLU B 171 -17.63 -5.44 26.61
CA GLU B 171 -16.47 -5.49 27.49
C GLU B 171 -15.18 -5.16 26.75
N THR B 172 -15.07 -5.57 25.49
CA THR B 172 -13.89 -5.14 24.73
C THR B 172 -13.79 -3.61 24.62
N LEU B 173 -14.90 -2.97 24.30
CA LEU B 173 -14.91 -1.50 24.20
C LEU B 173 -14.62 -0.86 25.56
N GLN B 174 -15.21 -1.41 26.58
CA GLN B 174 -15.11 -0.91 27.93
C GLN B 174 -13.70 -0.84 28.44
N GLN B 175 -13.01 -1.97 28.25
CA GLN B 175 -11.65 -2.14 28.67
C GLN B 175 -10.71 -1.10 28.01
N ARG B 176 -10.84 -0.86 26.72
CA ARG B 176 -9.98 0.11 26.05
CA ARG B 176 -9.96 0.10 26.07
C ARG B 176 -10.36 1.54 26.40
N ILE B 177 -11.67 1.80 26.54
CA ILE B 177 -12.10 3.12 26.89
C ILE B 177 -11.61 3.57 28.28
N ARG B 178 -11.60 2.61 29.19
CA ARG B 178 -11.06 2.90 30.53
C ARG B 178 -9.56 3.23 30.44
N GLU B 179 -8.81 2.46 29.62
CA GLU B 179 -7.39 2.76 29.37
C GLU B 179 -7.17 4.12 28.75
N LEU B 180 -8.01 4.44 27.77
CA LEU B 180 -7.92 5.79 27.15
C LEU B 180 -8.19 6.93 28.11
N ALA B 181 -9.18 6.76 28.98
CA ALA B 181 -9.54 7.76 29.92
C ALA B 181 -8.35 7.89 30.90
N PHE B 182 -7.70 6.77 31.24
CA PHE B 182 -6.60 6.84 32.19
C PHE B 182 -5.33 7.54 31.62
N LEU B 183 -5.15 7.35 30.32
CA LEU B 183 -4.06 8.07 29.58
C LEU B 183 -4.36 9.54 29.44
N ASN B 184 -5.65 9.88 29.31
CA ASN B 184 -6.10 11.25 29.04
C ASN B 184 -6.89 11.82 30.21
N LYS B 185 -6.13 12.15 31.25
CA LYS B 185 -6.68 12.71 32.45
C LYS B 185 -7.56 13.89 32.16
N GLY B 186 -8.69 13.93 32.83
CA GLY B 186 -9.54 15.11 32.76
C GLY B 186 -10.47 15.04 31.56
N ILE B 187 -10.36 13.98 30.78
CA ILE B 187 -11.33 13.83 29.62
C ILE B 187 -12.34 12.81 30.05
N GLN B 188 -13.60 13.15 29.99
CA GLN B 188 -14.65 12.23 30.36
CA GLN B 188 -14.63 12.23 30.35
C GLN B 188 -14.98 11.38 29.12
N ILE B 189 -14.93 10.06 29.25
CA ILE B 189 -15.20 9.18 28.09
C ILE B 189 -16.31 8.26 28.56
N THR B 190 -17.42 8.27 27.84
CA THR B 190 -18.60 7.50 28.19
C THR B 190 -18.86 6.45 27.14
N LEU B 191 -19.20 5.22 27.57
CA LEU B 191 -19.63 4.16 26.70
C LEU B 191 -21.07 3.80 27.04
N ARG B 192 -21.91 3.62 26.02
CA ARG B 192 -23.28 3.24 26.29
C ARG B 192 -23.69 2.19 25.26
N ASP B 193 -24.41 1.15 25.72
CA ASP B 193 -25.06 0.16 24.84
C ASP B 193 -26.54 0.43 24.80
N GLU B 194 -27.05 0.75 23.61
CA GLU B 194 -28.48 0.96 23.37
C GLU B 194 -29.12 -0.09 22.49
N ARG B 195 -28.42 -1.15 22.20
CA ARG B 195 -28.92 -2.21 21.33
C ARG B 195 -30.11 -2.94 21.94
N ASP B 196 -30.14 -3.06 23.26
CA ASP B 196 -31.30 -3.67 23.96
C ASP B 196 -32.01 -2.46 24.58
N GLU B 197 -32.96 -1.93 23.85
CA GLU B 197 -33.63 -0.67 24.22
C GLU B 197 -34.31 -0.67 25.59
N GLU B 198 -34.75 -1.83 26.04
CA GLU B 198 -35.37 -1.92 27.40
C GLU B 198 -34.33 -2.05 28.52
N ASN B 199 -33.06 -2.25 28.17
CA ASN B 199 -32.01 -2.55 29.15
C ASN B 199 -30.70 -1.88 28.68
N VAL B 200 -30.60 -0.59 28.96
CA VAL B 200 -29.51 0.23 28.53
C VAL B 200 -28.43 0.32 29.58
N ARG B 201 -27.19 0.10 29.15
CA ARG B 201 -26.03 0.01 30.02
C ARG B 201 -25.06 1.16 29.71
N GLU B 202 -24.53 1.84 30.72
CA GLU B 202 -23.49 2.87 30.44
C GLU B 202 -22.43 2.82 31.49
N ASP B 203 -21.18 3.11 31.10
CA ASP B 203 -20.08 3.33 32.03
C ASP B 203 -19.42 4.65 31.58
N SER B 204 -19.09 5.50 32.51
CA SER B 204 -18.42 6.80 32.21
C SER B 204 -17.17 6.87 33.05
N TYR B 205 -16.04 7.22 32.40
CA TYR B 205 -14.76 7.26 33.05
C TYR B 205 -14.23 8.66 33.01
N HIS B 206 -13.67 9.11 34.12
CA HIS B 206 -13.17 10.49 34.24
CA HIS B 206 -13.10 10.46 34.21
C HIS B 206 -12.07 10.47 35.30
N TYR B 207 -10.84 10.31 34.89
CA TYR B 207 -9.73 10.30 35.85
C TYR B 207 -9.27 11.73 36.11
N GLU B 208 -9.08 12.08 37.38
CA GLU B 208 -8.77 13.46 37.76
C GLU B 208 -7.37 13.78 37.26
N GLY B 209 -7.20 14.97 36.65
CA GLY B 209 -5.88 15.47 36.19
C GLY B 209 -6.02 16.41 34.99
C1 MPD C . 14.60 2.23 -25.16
C2 MPD C . 14.95 0.84 -24.71
O2 MPD C . 14.01 -0.02 -25.36
CM MPD C . 14.65 0.66 -23.25
C3 MPD C . 16.31 0.33 -25.21
C4 MPD C . 17.62 1.15 -25.10
O4 MPD C . 17.35 2.44 -25.63
C5 MPD C . 18.29 1.25 -23.71
C1 MPD D . 20.51 4.41 -21.81
C2 MPD D . 19.63 3.92 -20.65
O2 MPD D . 18.46 3.34 -21.24
CM MPD D . 19.05 5.09 -19.86
C3 MPD D . 20.33 2.90 -19.71
C4 MPD D . 21.88 2.79 -19.67
O4 MPD D . 22.57 3.98 -19.18
C5 MPD D . 22.29 1.62 -18.77
C1 MPD E . -23.20 19.18 20.57
C2 MPD E . -22.33 17.96 20.47
O2 MPD E . -21.16 18.10 21.30
CM MPD E . -21.71 17.84 19.10
C3 MPD E . -23.05 16.67 20.84
C4 MPD E . -24.56 16.50 21.13
O4 MPD E . -25.20 17.71 21.53
C5 MPD E . -25.39 15.87 19.98
C1 MPD F . -27.60 13.53 15.30
C2 MPD F . -27.65 13.69 16.80
O2 MPD F . -26.32 13.47 17.36
CM MPD F . -28.64 12.66 17.31
C3 MPD F . -28.23 15.08 17.18
C4 MPD F . -27.52 16.31 16.64
O4 MPD F . -26.11 16.37 16.91
C5 MPD F . -27.68 16.59 15.17
O 55G G . -13.30 11.22 12.93
C1 55G G . -12.91 12.41 13.17
C14 55G G . -11.98 13.12 12.36
C13 55G G . -11.52 14.42 12.66
C15 55G G . -10.49 15.10 11.76
C20 55G G . -9.33 14.37 11.41
C19 55G G . -8.34 14.98 10.59
C18 55G G . -8.47 16.28 10.10
C17 55G G . -9.63 17.00 10.45
C16 55G G . -10.64 16.43 11.27
C3 55G G . -12.06 15.01 13.92
C4 55G G . -12.01 16.22 14.76
N2 55G G . -12.79 16.17 15.91
N3 55G G . -13.44 14.87 15.82
C2 55G G . -13.06 14.19 14.70
N1 55G G . -13.40 12.97 14.30
C5 55G G . -11.15 17.40 14.39
S 55G G . -11.77 18.97 14.39
C7 55G G . -10.29 19.63 13.84
N4 55G G . -9.36 18.69 13.71
C6 55G G . -9.81 17.43 14.03
C8 55G G . -10.09 21.06 13.55
C12 55G G . -8.84 21.44 13.05
C11 55G G . -8.64 22.83 12.77
C10 55G G . -9.70 23.70 13.01
N5 55G G . -10.88 23.26 13.54
C9 55G G . -11.10 21.97 13.73
MG MG H . -4.06 9.77 18.05
MG MG I . -36.01 -5.13 22.36
#